data_3ZWF
#
_entry.id   3ZWF
#
_cell.length_a   59.520
_cell.length_b   73.790
_cell.length_c   73.660
_cell.angle_alpha   90.00
_cell.angle_beta   98.69
_cell.angle_gamma   90.00
#
_symmetry.space_group_name_H-M   'P 1 21 1'
#
loop_
_entity.id
_entity.type
_entity.pdbx_description
1 polymer 'ZINC PHOSPHODIESTERASE ELAC PROTEIN 1'
2 non-polymer 1,2-ETHANEDIOL
3 non-polymer 'ZINC ION'
4 non-polymer 'PHOSPHATE ION'
5 non-polymer 'SODIUM ION'
6 water water
#
_entity_poly.entity_id   1
_entity_poly.type   'polypeptide(L)'
_entity_poly.pdbx_seq_one_letter_code
;MDVTFLGTGAAYPSPTRGASAVVLRCEGECWLFDCGEGTQTQLMKSQLKAGRITKIFITHLHGDHFFGLPGLLCTISLQS
GSMVSKQPIEIYGPVGLRDFIWRTMELSHTELVFHYVVHELVPTADQCPAEELKEFAHVNRADSPPKEEQGRTILLDSEE
NSYLLFDDEQFVVKAFRLFHRIPSFGFSVVEKKRPGKLNAQKLKDLGVPPGPAYGKLKNGISVVLENGVTISPQDVLKKP
IVGRKICILGDCSGVVGDGGVKLCFEADLLIHEATLDDAQMDKAKEHGHSTPQMAATFAKLCRAKRLVLTHFSQRYKPVA
LAREGETDGIAELKKQAESVLDLQEVTLAEDFMVISIPIKKAENLYFQ
;
_entity_poly.pdbx_strand_id   A,B
#
loop_
_chem_comp.id
_chem_comp.type
_chem_comp.name
_chem_comp.formula
EDO non-polymer 1,2-ETHANEDIOL 'C2 H6 O2'
NA non-polymer 'SODIUM ION' 'Na 1'
PO4 non-polymer 'PHOSPHATE ION' 'O4 P -3'
ZN non-polymer 'ZINC ION' 'Zn 2'
#
# COMPACT_ATOMS: atom_id res chain seq x y z
N MET A 1 -21.16 20.52 -1.84
CA MET A 1 -19.75 20.25 -2.30
C MET A 1 -18.80 20.34 -1.12
N ASP A 2 -18.06 19.28 -0.89
CA ASP A 2 -17.07 19.31 0.19
C ASP A 2 -15.80 18.58 -0.18
N VAL A 3 -14.75 18.95 0.54
CA VAL A 3 -13.46 18.34 0.42
C VAL A 3 -13.13 17.66 1.74
N THR A 4 -12.77 16.38 1.68
CA THR A 4 -12.36 15.62 2.86
C THR A 4 -10.89 15.19 2.73
N PHE A 5 -10.07 15.60 3.69
CA PHE A 5 -8.67 15.18 3.74
C PHE A 5 -8.54 13.82 4.38
N LEU A 6 -7.97 12.87 3.66
CA LEU A 6 -7.74 11.54 4.20
C LEU A 6 -6.31 11.37 4.73
N GLY A 7 -5.37 11.98 4.05
CA GLY A 7 -3.98 11.97 4.45
C GLY A 7 -3.30 13.26 4.09
N THR A 8 -2.63 13.80 5.08
CA THR A 8 -2.06 15.15 5.08
C THR A 8 -0.55 15.14 5.31
N GLY A 9 0.06 13.95 5.33
CA GLY A 9 1.48 13.90 5.55
C GLY A 9 2.31 13.79 4.29
N ALA A 10 3.57 14.17 4.44
CA ALA A 10 4.59 14.07 3.38
C ALA A 10 5.33 12.74 3.38
N ALA A 11 5.60 12.25 2.17
CA ALA A 11 6.57 11.18 1.88
C ALA A 11 6.20 9.74 2.27
N TYR A 12 5.47 9.55 3.36
CA TYR A 12 5.00 8.27 3.82
C TYR A 12 3.87 8.43 4.80
N PRO A 13 3.05 7.40 4.97
CA PRO A 13 1.98 7.48 5.94
C PRO A 13 2.51 7.29 7.33
N SER A 14 1.93 7.97 8.30
CA SER A 14 2.22 7.75 9.72
C SER A 14 0.92 7.60 10.50
N PRO A 15 1.03 7.18 11.76
CA PRO A 15 -0.14 7.09 12.63
C PRO A 15 -0.87 8.43 12.82
N THR A 16 -0.17 9.54 12.68
CA THR A 16 -0.81 10.88 12.88
C THR A 16 -1.24 11.59 11.61
N ARG A 17 -0.56 11.27 10.51
CA ARG A 17 -0.91 11.82 9.18
C ARG A 17 -0.74 10.76 8.09
N GLY A 18 -1.85 10.38 7.47
CA GLY A 18 -1.83 9.45 6.35
C GLY A 18 -1.10 10.02 5.14
N ALA A 19 -0.75 9.14 4.22
CA ALA A 19 -0.18 9.56 2.96
C ALA A 19 -1.24 10.28 2.13
N SER A 20 -0.75 11.01 1.13
CA SER A 20 -1.63 11.91 0.37
CA SER A 20 -1.60 11.91 0.34
C SER A 20 -2.91 11.26 -0.17
N ALA A 21 -4.05 11.88 0.18
CA ALA A 21 -5.36 11.54 -0.37
C ALA A 21 -6.37 12.60 0.08
N VAL A 22 -7.14 13.09 -0.88
CA VAL A 22 -8.19 14.07 -0.62
CA VAL A 22 -8.20 14.04 -0.60
C VAL A 22 -9.38 13.69 -1.50
N VAL A 23 -10.59 13.76 -0.94
CA VAL A 23 -11.82 13.48 -1.69
C VAL A 23 -12.68 14.72 -1.88
N LEU A 24 -13.02 14.99 -3.13
CA LEU A 24 -14.01 15.97 -3.51
C LEU A 24 -15.35 15.26 -3.76
N ARG A 25 -16.38 15.78 -3.11
CA ARG A 25 -17.70 15.18 -3.13
C ARG A 25 -18.67 16.19 -3.65
N CYS A 26 -19.44 15.79 -4.65
CA CYS A 26 -20.56 16.58 -5.18
C CYS A 26 -21.77 15.67 -5.31
N GLU A 27 -22.81 15.97 -4.53
CA GLU A 27 -24.09 15.28 -4.65
C GLU A 27 -23.92 13.74 -4.61
N GLY A 28 -23.16 13.26 -3.64
CA GLY A 28 -22.95 11.81 -3.43
C GLY A 28 -21.86 11.15 -4.28
N GLU A 29 -21.45 11.82 -5.36
CA GLU A 29 -20.35 11.38 -6.23
C GLU A 29 -18.99 11.85 -5.69
N CYS A 30 -18.08 10.88 -5.47
CA CYS A 30 -16.75 11.11 -4.90
C CYS A 30 -15.65 11.02 -5.94
N TRP A 31 -14.80 12.03 -5.98
CA TRP A 31 -13.55 12.01 -6.74
C TRP A 31 -12.34 12.02 -5.80
N LEU A 32 -11.46 11.05 -5.96
CA LEU A 32 -10.27 10.94 -5.15
C LEU A 32 -9.04 11.54 -5.85
N PHE A 33 -8.33 12.37 -5.12
CA PHE A 33 -7.12 13.01 -5.58
C PHE A 33 -5.97 12.45 -4.74
N ASP A 34 -5.16 11.65 -5.40
CA ASP A 34 -4.04 10.87 -4.83
C ASP A 34 -4.51 9.72 -3.95
N CYS A 35 -3.62 8.75 -3.83
CA CYS A 35 -3.97 7.47 -3.19
C CYS A 35 -2.73 6.81 -2.60
N GLY A 36 -2.11 7.47 -1.66
CA GLY A 36 -1.02 6.86 -0.88
C GLY A 36 -1.44 5.62 -0.12
N GLU A 37 -0.43 4.87 0.32
CA GLU A 37 -0.66 3.68 1.10
C GLU A 37 -1.51 4.02 2.32
N GLY A 38 -2.51 3.19 2.58
CA GLY A 38 -3.44 3.39 3.69
C GLY A 38 -4.69 4.18 3.41
N THR A 39 -4.78 4.71 2.20
CA THR A 39 -5.98 5.42 1.81
C THR A 39 -7.27 4.65 2.00
N GLN A 40 -7.28 3.36 1.66
CA GLN A 40 -8.52 2.57 1.81
C GLN A 40 -8.98 2.51 3.28
N THR A 41 -8.04 2.41 4.22
CA THR A 41 -8.34 2.33 5.64
CA THR A 41 -8.37 2.32 5.64
C THR A 41 -8.77 3.71 6.17
N GLN A 42 -8.16 4.76 5.64
CA GLN A 42 -8.60 6.11 6.01
C GLN A 42 -10.05 6.32 5.57
N LEU A 43 -10.36 5.91 4.35
CA LEU A 43 -11.74 5.95 3.85
C LEU A 43 -12.71 5.24 4.78
N MET A 44 -12.33 4.04 5.24
CA MET A 44 -13.19 3.31 6.17
C MET A 44 -13.46 4.09 7.44
N LYS A 45 -12.43 4.76 7.99
CA LYS A 45 -12.53 5.52 9.23
C LYS A 45 -13.35 6.80 9.04
N SER A 46 -13.37 7.30 7.80
CA SER A 46 -14.09 8.52 7.47
C SER A 46 -15.60 8.29 7.32
N GLN A 47 -16.35 9.37 7.15
CA GLN A 47 -17.79 9.27 6.79
C GLN A 47 -18.07 8.93 5.33
N LEU A 48 -17.01 8.86 4.52
CA LEU A 48 -17.13 8.55 3.09
C LEU A 48 -17.16 7.05 2.87
N LYS A 49 -17.60 6.64 1.68
CA LYS A 49 -17.65 5.23 1.29
C LYS A 49 -16.86 5.02 -0.02
N ALA A 50 -15.90 4.10 0.02
CA ALA A 50 -15.06 3.77 -1.14
C ALA A 50 -15.91 3.46 -2.37
N GLY A 51 -17.02 2.76 -2.15
CA GLY A 51 -17.94 2.38 -3.23
C GLY A 51 -18.58 3.51 -4.02
N ARG A 52 -18.53 4.74 -3.49
CA ARG A 52 -19.08 5.91 -4.18
C ARG A 52 -18.05 6.63 -5.07
N ILE A 53 -16.82 6.14 -5.09
CA ILE A 53 -15.74 6.80 -5.85
C ILE A 53 -15.94 6.50 -7.33
N THR A 54 -16.05 7.53 -8.16
CA THR A 54 -16.23 7.36 -9.61
C THR A 54 -15.02 7.77 -10.46
N LYS A 55 -14.16 8.59 -9.87
CA LYS A 55 -12.95 9.06 -10.54
C LYS A 55 -11.81 9.18 -9.54
N ILE A 56 -10.61 8.93 -10.06
CA ILE A 56 -9.38 9.03 -9.32
C ILE A 56 -8.34 9.77 -10.14
N PHE A 57 -7.69 10.74 -9.50
CA PHE A 57 -6.71 11.58 -10.13
C PHE A 57 -5.40 11.46 -9.36
N ILE A 58 -4.32 11.10 -10.07
CA ILE A 58 -2.99 10.94 -9.44
C ILE A 58 -2.03 12.01 -9.91
N THR A 59 -1.49 12.78 -8.95
CA THR A 59 -0.68 13.99 -9.28
C THR A 59 0.72 13.65 -9.80
N HIS A 60 1.30 12.55 -9.30
CA HIS A 60 2.64 12.14 -9.70
C HIS A 60 2.93 10.74 -9.18
N LEU A 61 3.89 10.11 -9.82
CA LEU A 61 4.23 8.72 -9.48
C LEU A 61 5.31 8.60 -8.41
N HIS A 62 5.09 9.25 -7.26
CA HIS A 62 5.81 8.96 -6.02
C HIS A 62 4.92 8.10 -5.19
N GLY A 63 5.48 7.11 -4.48
CA GLY A 63 4.67 6.11 -3.84
C GLY A 63 3.64 6.58 -2.83
N ASP A 64 3.93 7.68 -2.14
CA ASP A 64 3.04 8.28 -1.16
C ASP A 64 1.79 8.93 -1.79
N HIS A 65 1.74 8.88 -3.13
CA HIS A 65 0.57 9.35 -3.87
C HIS A 65 -0.15 8.27 -4.68
N PHE A 66 0.38 7.04 -4.75
CA PHE A 66 -0.29 6.01 -5.54
C PHE A 66 -0.15 4.56 -5.08
N PHE A 67 0.74 4.29 -4.13
CA PHE A 67 0.93 2.90 -3.69
C PHE A 67 -0.33 2.31 -3.07
N GLY A 68 -1.24 3.14 -2.59
CA GLY A 68 -2.54 2.68 -2.08
C GLY A 68 -3.59 2.29 -3.12
N LEU A 69 -3.30 2.56 -4.38
CA LEU A 69 -4.27 2.38 -5.46
C LEU A 69 -4.70 0.92 -5.73
N PRO A 70 -3.75 -0.02 -5.81
CA PRO A 70 -4.18 -1.41 -6.05
C PRO A 70 -5.09 -1.93 -4.97
N GLY A 71 -4.71 -1.67 -3.71
CA GLY A 71 -5.50 -2.06 -2.56
C GLY A 71 -6.87 -1.46 -2.58
N LEU A 72 -6.94 -0.17 -2.86
CA LEU A 72 -8.22 0.53 -2.96
C LEU A 72 -9.15 -0.12 -3.99
N LEU A 73 -8.64 -0.37 -5.20
CA LEU A 73 -9.48 -0.96 -6.26
C LEU A 73 -9.97 -2.34 -5.84
N CYS A 74 -9.08 -3.12 -5.26
CA CYS A 74 -9.44 -4.48 -4.81
C CYS A 74 -10.58 -4.45 -3.80
N THR A 75 -10.47 -3.56 -2.85
CA THR A 75 -11.42 -3.47 -1.76
CA THR A 75 -11.44 -3.46 -1.75
C THR A 75 -12.77 -2.92 -2.26
N ILE A 76 -12.73 -1.93 -3.15
CA ILE A 76 -13.95 -1.45 -3.82
C ILE A 76 -14.66 -2.63 -4.52
N SER A 77 -13.90 -3.45 -5.23
CA SER A 77 -14.46 -4.61 -5.92
C SER A 77 -15.07 -5.61 -4.92
N LEU A 78 -14.28 -6.00 -3.92
CA LEU A 78 -14.69 -6.98 -2.89
C LEU A 78 -15.99 -6.59 -2.22
N GLN A 79 -16.16 -5.29 -2.02
CA GLN A 79 -17.31 -4.75 -1.27
C GLN A 79 -18.49 -4.28 -2.12
N SER A 80 -18.39 -4.37 -3.45
CA SER A 80 -19.50 -4.01 -4.32
C SER A 80 -20.08 -5.25 -5.00
N GLN A 87 -21.34 2.35 -13.38
CA GLN A 87 -20.43 3.00 -14.34
C GLN A 87 -18.97 2.56 -14.14
N PRO A 88 -18.15 2.72 -15.19
CA PRO A 88 -16.73 2.51 -15.00
C PRO A 88 -16.08 3.59 -14.15
N ILE A 89 -15.02 3.23 -13.42
CA ILE A 89 -14.19 4.18 -12.71
C ILE A 89 -13.12 4.73 -13.68
N GLU A 90 -13.00 6.05 -13.74
CA GLU A 90 -11.97 6.68 -14.55
C GLU A 90 -10.80 7.09 -13.72
N ILE A 91 -9.61 6.71 -14.17
CA ILE A 91 -8.39 7.03 -13.47
C ILE A 91 -7.51 7.89 -14.35
N TYR A 92 -7.11 9.04 -13.85
CA TYR A 92 -6.21 9.94 -14.57
C TYR A 92 -4.88 10.03 -13.86
N GLY A 93 -3.78 9.86 -14.58
CA GLY A 93 -2.47 10.06 -13.97
C GLY A 93 -1.34 9.99 -14.96
N PRO A 94 -0.10 10.16 -14.49
CA PRO A 94 1.00 10.18 -15.40
C PRO A 94 1.21 8.89 -16.19
N VAL A 95 1.79 9.02 -17.37
CA VAL A 95 2.28 7.88 -18.13
C VAL A 95 3.01 6.90 -17.20
N GLY A 96 2.64 5.63 -17.29
CA GLY A 96 3.21 4.56 -16.46
C GLY A 96 2.17 3.98 -15.52
N LEU A 97 1.16 4.78 -15.22
CA LEU A 97 0.14 4.35 -14.24
C LEU A 97 -0.73 3.19 -14.76
N ARG A 98 -1.11 3.25 -16.03
CA ARG A 98 -2.00 2.23 -16.56
C ARG A 98 -1.38 0.83 -16.43
N ASP A 99 -0.13 0.70 -16.87
CA ASP A 99 0.57 -0.62 -16.84
C ASP A 99 0.79 -1.08 -15.42
N PHE A 100 1.07 -0.14 -14.50
CA PHE A 100 1.24 -0.45 -13.10
C PHE A 100 0.00 -1.14 -12.56
N ILE A 101 -1.15 -0.55 -12.80
CA ILE A 101 -2.41 -1.09 -12.30
C ILE A 101 -2.71 -2.48 -12.95
N TRP A 102 -2.57 -2.56 -14.27
CA TRP A 102 -2.88 -3.79 -14.99
C TRP A 102 -2.01 -4.95 -14.47
N ARG A 103 -0.72 -4.68 -14.38
CA ARG A 103 0.26 -5.75 -14.01
C ARG A 103 0.04 -6.16 -12.58
N THR A 104 -0.28 -5.20 -11.72
CA THR A 104 -0.47 -5.47 -10.29
C THR A 104 -1.74 -6.31 -10.06
N MET A 105 -2.80 -5.99 -10.80
CA MET A 105 -4.04 -6.79 -10.75
C MET A 105 -3.79 -8.22 -11.26
N GLU A 106 -3.04 -8.33 -12.36
CA GLU A 106 -2.72 -9.64 -12.93
C GLU A 106 -1.89 -10.46 -11.94
N LEU A 107 -0.87 -9.82 -11.37
CA LEU A 107 0.08 -10.51 -10.46
C LEU A 107 -0.66 -11.06 -9.24
N SER A 108 -1.65 -10.29 -8.76
CA SER A 108 -2.38 -10.65 -7.53
C SER A 108 -3.62 -11.50 -7.82
N HIS A 109 -3.80 -11.87 -9.08
CA HIS A 109 -4.97 -12.63 -9.56
C HIS A 109 -6.29 -12.01 -9.12
N THR A 110 -6.37 -10.71 -9.29
CA THR A 110 -7.58 -9.97 -8.99
C THR A 110 -8.39 -9.78 -10.27
N GLU A 111 -9.64 -10.23 -10.24
CA GLU A 111 -10.63 -9.90 -11.27
C GLU A 111 -11.58 -8.89 -10.66
N LEU A 112 -11.40 -7.62 -10.99
CA LEU A 112 -12.26 -6.57 -10.44
C LEU A 112 -13.66 -6.70 -11.04
N VAL A 113 -14.69 -6.50 -10.22
CA VAL A 113 -16.07 -6.70 -10.68
C VAL A 113 -16.61 -5.49 -11.44
N PHE A 114 -15.88 -4.38 -11.39
CA PHE A 114 -16.21 -3.16 -12.14
C PHE A 114 -15.17 -2.94 -13.22
N HIS A 115 -15.56 -2.19 -14.24
CA HIS A 115 -14.66 -1.75 -15.30
C HIS A 115 -13.96 -0.49 -14.86
N TYR A 116 -12.70 -0.36 -15.26
CA TYR A 116 -11.99 0.89 -15.08
C TYR A 116 -11.21 1.24 -16.35
N VAL A 117 -10.88 2.51 -16.48
CA VAL A 117 -10.04 3.00 -17.59
CA VAL A 117 -10.07 3.04 -17.59
C VAL A 117 -9.01 3.97 -17.01
N VAL A 118 -7.80 3.89 -17.55
CA VAL A 118 -6.74 4.79 -17.13
C VAL A 118 -6.34 5.69 -18.29
N HIS A 119 -6.50 6.99 -18.07
CA HIS A 119 -6.12 8.03 -19.05
C HIS A 119 -4.81 8.61 -18.60
N GLU A 120 -3.79 8.53 -19.45
CA GLU A 120 -2.45 8.95 -19.08
C GLU A 120 -2.09 10.34 -19.57
N LEU A 121 -1.55 11.14 -18.65
CA LEU A 121 -1.00 12.46 -18.96
C LEU A 121 0.47 12.38 -19.32
N VAL A 122 0.83 12.97 -20.45
CA VAL A 122 2.21 12.93 -20.94
C VAL A 122 2.92 14.18 -20.44
N PRO A 123 3.87 14.00 -19.51
CA PRO A 123 4.61 15.14 -19.01
C PRO A 123 5.64 15.69 -20.00
N THR A 124 6.14 16.88 -19.69
CA THR A 124 7.24 17.46 -20.45
C THR A 124 8.50 17.38 -19.58
N ALA A 125 9.64 17.36 -20.26
CA ALA A 125 10.96 17.13 -19.63
C ALA A 125 11.33 18.26 -18.66
N ASP A 126 10.80 19.46 -18.91
CA ASP A 126 11.11 20.63 -18.05
C ASP A 126 10.27 20.68 -16.75
N GLN A 127 9.58 19.60 -16.44
CA GLN A 127 8.84 19.47 -15.19
C GLN A 127 9.71 18.88 -14.09
N CYS A 128 10.94 18.51 -14.42
CA CYS A 128 11.83 18.00 -13.39
C CYS A 128 13.28 18.28 -13.76
N PRO A 129 14.22 18.03 -12.84
CA PRO A 129 15.58 18.47 -13.13
C PRO A 129 16.24 17.70 -14.25
N ALA A 130 17.21 18.34 -14.90
CA ALA A 130 17.98 17.74 -15.97
C ALA A 130 19.09 16.90 -15.37
N GLN A 150 -11.68 2.62 -23.90
CA GLN A 150 -10.24 2.48 -23.73
C GLN A 150 -9.56 3.81 -23.35
N GLY A 151 -8.37 3.64 -22.80
CA GLY A 151 -7.66 4.73 -22.15
C GLY A 151 -7.03 5.63 -23.18
N ARG A 152 -6.96 6.90 -22.82
CA ARG A 152 -6.38 7.91 -23.69
C ARG A 152 -4.95 8.20 -23.26
N THR A 153 -4.16 8.69 -24.20
CA THR A 153 -2.86 9.33 -23.96
C THR A 153 -3.03 10.82 -24.25
N ILE A 154 -2.97 11.61 -23.18
CA ILE A 154 -3.40 13.01 -23.16
C ILE A 154 -2.18 13.90 -23.24
N LEU A 155 -2.17 14.72 -24.30
CA LEU A 155 -1.03 15.60 -24.57
C LEU A 155 -1.29 16.98 -24.03
N LEU A 156 -0.21 17.67 -23.67
CA LEU A 156 -0.29 19.08 -23.34
C LEU A 156 -0.79 19.86 -24.53
N ASP A 157 -1.76 20.70 -24.31
CA ASP A 157 -2.22 21.58 -25.37
C ASP A 157 -1.33 22.81 -25.35
N SER A 158 -0.64 23.05 -26.45
CA SER A 158 0.38 24.13 -26.49
C SER A 158 -0.25 25.52 -26.47
N GLU A 159 -1.46 25.65 -26.99
CA GLU A 159 -2.15 26.95 -26.97
C GLU A 159 -2.58 27.31 -25.54
N GLU A 160 -3.22 26.35 -24.87
CA GLU A 160 -3.76 26.52 -23.51
C GLU A 160 -2.77 26.16 -22.37
N ASN A 161 -1.70 25.43 -22.71
CA ASN A 161 -0.73 24.98 -21.70
C ASN A 161 -1.38 24.15 -20.58
N SER A 162 -2.37 23.35 -20.98
CA SER A 162 -3.10 22.47 -20.06
C SER A 162 -3.50 21.18 -20.73
N TYR A 163 -3.98 20.24 -19.94
CA TYR A 163 -4.48 18.95 -20.40
C TYR A 163 -5.98 18.91 -20.14
N LEU A 164 -6.77 18.64 -21.17
CA LEU A 164 -8.23 18.52 -21.00
C LEU A 164 -8.54 17.11 -20.54
N LEU A 165 -9.06 16.98 -19.33
CA LEU A 165 -9.42 15.66 -18.82
C LEU A 165 -10.85 15.33 -19.26
N PHE A 166 -11.79 16.20 -18.94
CA PHE A 166 -13.16 16.08 -19.46
C PHE A 166 -13.92 17.38 -19.31
N ASP A 167 -14.94 17.52 -20.17
CA ASP A 167 -15.75 18.70 -20.24
C ASP A 167 -17.18 18.28 -20.53
N ASP A 168 -18.00 18.21 -19.48
CA ASP A 168 -19.44 17.96 -19.67
C ASP A 168 -20.31 19.13 -19.21
N GLU A 169 -21.61 18.88 -19.05
CA GLU A 169 -22.56 19.92 -18.70
C GLU A 169 -22.39 20.43 -17.27
N GLN A 170 -21.83 19.58 -16.42
CA GLN A 170 -21.67 19.88 -14.99
C GLN A 170 -20.28 20.44 -14.66
N PHE A 171 -19.24 19.87 -15.23
CA PHE A 171 -17.86 20.18 -14.86
C PHE A 171 -16.93 20.30 -16.05
N VAL A 172 -15.92 21.14 -15.92
CA VAL A 172 -14.73 21.08 -16.78
C VAL A 172 -13.55 20.83 -15.87
N VAL A 173 -12.83 19.74 -16.14
CA VAL A 173 -11.63 19.37 -15.38
C VAL A 173 -10.39 19.31 -16.26
N LYS A 174 -9.34 19.99 -15.81
CA LYS A 174 -8.09 20.12 -16.54
C LYS A 174 -6.94 19.85 -15.62
N ALA A 175 -5.81 19.44 -16.21
CA ALA A 175 -4.55 19.33 -15.46
C ALA A 175 -3.55 20.36 -16.01
N PHE A 176 -2.60 20.70 -15.18
CA PHE A 176 -1.50 21.57 -15.57
C PHE A 176 -0.19 21.10 -14.93
N ARG A 177 0.91 21.58 -15.48
CA ARG A 177 2.23 21.07 -15.16
C ARG A 177 2.83 21.82 -13.97
N LEU A 178 3.38 21.00 -13.08
CA LEU A 178 4.16 21.44 -11.94
C LEU A 178 5.60 20.96 -12.03
N PHE A 179 6.49 21.61 -11.28
CA PHE A 179 7.89 21.22 -11.22
C PHE A 179 8.14 20.47 -9.92
N HIS A 180 8.68 19.26 -10.02
CA HIS A 180 8.98 18.46 -8.86
C HIS A 180 10.20 17.59 -9.19
N ARG A 181 10.60 16.70 -8.28
CA ARG A 181 11.72 15.79 -8.53
C ARG A 181 11.44 14.85 -9.69
N ILE A 182 10.16 14.51 -9.84
CA ILE A 182 9.65 13.83 -11.06
C ILE A 182 8.49 14.70 -11.51
N PRO A 183 8.00 14.50 -12.75
CA PRO A 183 6.91 15.38 -13.17
C PRO A 183 5.66 15.22 -12.31
N SER A 184 5.04 16.35 -12.03
CA SER A 184 3.90 16.40 -11.16
C SER A 184 2.86 17.35 -11.75
N PHE A 185 1.60 17.10 -11.39
CA PHE A 185 0.45 17.78 -11.98
C PHE A 185 -0.44 18.38 -10.91
N GLY A 186 -1.05 19.49 -11.28
CA GLY A 186 -2.17 20.04 -10.58
C GLY A 186 -3.47 19.87 -11.39
N PHE A 187 -4.58 19.88 -10.68
CA PHE A 187 -5.88 19.67 -11.26
C PHE A 187 -6.78 20.83 -10.91
N SER A 188 -7.48 21.31 -11.94
CA SER A 188 -8.48 22.34 -11.79
C SER A 188 -9.86 21.76 -12.05
N VAL A 189 -10.76 21.95 -11.09
CA VAL A 189 -12.14 21.52 -11.23
C VAL A 189 -13.06 22.74 -11.24
N VAL A 190 -13.75 22.93 -12.35
CA VAL A 190 -14.71 24.03 -12.48
C VAL A 190 -16.12 23.48 -12.61
N GLU A 191 -16.97 23.89 -11.69
CA GLU A 191 -18.39 23.59 -11.76
C GLU A 191 -19.03 24.63 -12.69
N LYS A 192 -19.96 24.19 -13.54
CA LYS A 192 -20.65 25.13 -14.42
C LYS A 192 -21.96 25.60 -13.80
N LYS A 193 -22.29 26.87 -14.01
CA LYS A 193 -23.40 27.54 -13.35
C LYS A 193 -24.57 27.86 -14.31
N VAL A 242 -17.20 29.40 -13.69
CA VAL A 242 -18.48 30.07 -13.51
C VAL A 242 -19.00 29.82 -12.08
N GLY A 243 -19.22 28.55 -11.80
CA GLY A 243 -19.63 28.13 -10.47
C GLY A 243 -18.39 28.04 -9.60
N ARG A 244 -18.33 27.02 -8.76
CA ARG A 244 -17.22 26.87 -7.86
C ARG A 244 -16.00 26.35 -8.61
N LYS A 245 -14.81 26.72 -8.12
CA LYS A 245 -13.53 26.28 -8.68
C LYS A 245 -12.65 25.76 -7.53
N ILE A 246 -12.26 24.49 -7.67
CA ILE A 246 -11.38 23.83 -6.73
C ILE A 246 -10.10 23.39 -7.46
N CYS A 247 -8.95 23.83 -6.96
CA CYS A 247 -7.65 23.48 -7.52
C CYS A 247 -6.82 22.72 -6.49
N ILE A 248 -6.28 21.60 -6.92
CA ILE A 248 -5.54 20.68 -6.04
C ILE A 248 -4.20 20.43 -6.72
N LEU A 249 -3.11 20.88 -6.10
CA LEU A 249 -1.79 20.75 -6.69
C LEU A 249 -0.99 19.62 -6.04
N GLY A 250 -0.37 18.79 -6.88
CA GLY A 250 0.61 17.80 -6.40
C GLY A 250 1.86 18.45 -5.82
N ASP A 251 2.74 17.60 -5.28
CA ASP A 251 4.04 18.04 -4.76
C ASP A 251 4.71 18.88 -5.83
N CYS A 252 5.33 19.96 -5.39
CA CYS A 252 5.98 20.91 -6.31
C CYS A 252 6.79 21.96 -5.55
N SER A 253 7.73 22.53 -6.29
CA SER A 253 8.52 23.71 -5.92
CA SER A 253 8.50 23.72 -5.91
C SER A 253 8.12 24.92 -6.77
N GLY A 254 7.21 24.70 -7.70
CA GLY A 254 6.72 25.75 -8.59
C GLY A 254 5.85 25.19 -9.72
N VAL A 255 5.33 26.11 -10.53
CA VAL A 255 4.45 25.78 -11.63
C VAL A 255 5.25 26.04 -12.90
N VAL A 256 5.04 25.22 -13.94
CA VAL A 256 5.81 25.34 -15.15
C VAL A 256 5.01 26.20 -16.11
N GLY A 257 5.54 27.37 -16.38
CA GLY A 257 4.90 28.35 -17.28
C GLY A 257 3.61 28.89 -16.72
N ASP A 258 2.74 29.35 -17.64
CA ASP A 258 1.51 30.12 -17.26
C ASP A 258 0.18 29.32 -17.29
N GLY A 259 0.21 28.08 -17.79
CA GLY A 259 -1.01 27.23 -17.73
C GLY A 259 -1.67 27.14 -16.36
N GLY A 260 -0.83 27.08 -15.33
CA GLY A 260 -1.28 26.90 -13.95
C GLY A 260 -1.87 28.13 -13.28
N VAL A 261 -1.21 29.26 -13.45
CA VAL A 261 -1.72 30.51 -12.85
C VAL A 261 -3.11 30.86 -13.40
N LYS A 262 -3.27 30.61 -14.70
CA LYS A 262 -4.50 30.93 -15.42
C LYS A 262 -5.63 30.03 -14.94
N LEU A 263 -5.34 28.73 -14.79
CA LEU A 263 -6.37 27.78 -14.38
C LEU A 263 -6.83 27.93 -12.95
N CYS A 264 -5.95 28.43 -12.10
CA CYS A 264 -6.22 28.57 -10.65
C CYS A 264 -6.83 29.90 -10.29
N PHE A 265 -7.01 30.78 -11.27
CA PHE A 265 -7.46 32.14 -11.02
C PHE A 265 -8.78 32.14 -10.25
N GLU A 266 -8.80 32.87 -9.15
CA GLU A 266 -9.97 33.01 -8.26
C GLU A 266 -10.54 31.68 -7.78
N ALA A 267 -9.65 30.69 -7.62
CA ALA A 267 -10.05 29.42 -6.98
C ALA A 267 -10.77 29.68 -5.66
N ASP A 268 -11.90 28.99 -5.50
CA ASP A 268 -12.64 29.02 -4.23
C ASP A 268 -11.92 28.27 -3.14
N LEU A 269 -11.23 27.21 -3.54
CA LEU A 269 -10.34 26.48 -2.67
C LEU A 269 -9.10 26.09 -3.47
N LEU A 270 -7.94 26.40 -2.93
CA LEU A 270 -6.65 26.01 -3.48
C LEU A 270 -5.91 25.13 -2.46
N ILE A 271 -5.63 23.89 -2.83
CA ILE A 271 -4.91 22.91 -1.97
C ILE A 271 -3.47 22.79 -2.48
N HIS A 272 -2.53 23.15 -1.60
CA HIS A 272 -1.12 23.25 -1.95
C HIS A 272 -0.27 22.58 -0.86
N GLU A 273 0.82 21.95 -1.27
CA GLU A 273 1.76 21.44 -0.26
C GLU A 273 2.56 22.53 0.46
N ALA A 274 2.93 22.22 1.69
CA ALA A 274 3.93 22.99 2.42
C ALA A 274 4.74 22.03 3.28
N THR A 275 5.61 21.30 2.59
CA THR A 275 6.33 20.18 3.21
C THR A 275 7.19 20.62 4.41
N LEU A 276 7.91 21.73 4.25
CA LEU A 276 8.81 22.21 5.27
C LEU A 276 8.49 23.67 5.58
N ASP A 277 8.98 24.11 6.72
CA ASP A 277 8.79 25.50 7.13
C ASP A 277 9.72 26.40 6.33
N ASP A 278 9.43 27.69 6.36
CA ASP A 278 10.15 28.66 5.49
C ASP A 278 11.65 28.72 5.74
N ALA A 279 12.06 28.51 6.99
CA ALA A 279 13.49 28.50 7.32
C ALA A 279 14.25 27.38 6.57
N GLN A 280 13.53 26.36 6.12
CA GLN A 280 14.13 25.26 5.32
C GLN A 280 13.80 25.31 3.83
N MET A 281 13.64 26.54 3.32
CA MET A 281 13.25 26.75 1.93
C MET A 281 14.27 26.12 0.97
N ASP A 282 15.56 26.27 1.27
CA ASP A 282 16.61 25.70 0.40
C ASP A 282 16.48 24.18 0.32
N LYS A 283 16.32 23.52 1.46
CA LYS A 283 16.08 22.10 1.49
C LYS A 283 14.79 21.70 0.77
N ALA A 284 13.73 22.48 0.99
CA ALA A 284 12.45 22.23 0.33
C ALA A 284 12.62 22.23 -1.21
N LYS A 285 13.21 23.28 -1.73
CA LYS A 285 13.38 23.43 -3.18
C LYS A 285 14.25 22.32 -3.75
N GLU A 286 15.30 21.98 -3.01
CA GLU A 286 16.20 20.85 -3.38
C GLU A 286 15.42 19.55 -3.63
N HIS A 287 14.37 19.33 -2.85
CA HIS A 287 13.53 18.14 -2.96
C HIS A 287 12.26 18.33 -3.77
N GLY A 288 12.16 19.45 -4.49
CA GLY A 288 10.98 19.74 -5.31
C GLY A 288 9.72 20.04 -4.51
N HIS A 289 9.94 20.65 -3.33
CA HIS A 289 8.87 20.97 -2.40
C HIS A 289 8.74 22.49 -2.21
N SER A 290 7.68 22.83 -1.48
CA SER A 290 7.34 24.23 -1.13
C SER A 290 7.28 24.43 0.38
N THR A 291 7.38 25.69 0.75
CA THR A 291 7.19 26.10 2.13
C THR A 291 5.94 26.99 2.21
N PRO A 292 5.49 27.35 3.44
CA PRO A 292 4.26 28.11 3.46
C PRO A 292 4.30 29.47 2.72
N GLN A 293 5.45 30.13 2.78
CA GLN A 293 5.57 31.42 2.06
C GLN A 293 5.47 31.22 0.55
N MET A 294 5.96 30.10 0.04
CA MET A 294 5.92 29.85 -1.41
C MET A 294 4.48 29.59 -1.84
N ALA A 295 3.77 28.82 -1.01
CA ALA A 295 2.38 28.50 -1.28
C ALA A 295 1.50 29.77 -1.21
N ALA A 296 1.77 30.59 -0.19
CA ALA A 296 1.01 31.81 0.07
C ALA A 296 1.18 32.81 -1.08
N THR A 297 2.40 32.87 -1.61
CA THR A 297 2.72 33.77 -2.70
C THR A 297 1.98 33.32 -3.97
N PHE A 298 1.95 32.01 -4.21
CA PHE A 298 1.16 31.48 -5.34
C PHE A 298 -0.35 31.73 -5.17
N ALA A 299 -0.86 31.52 -3.96
CA ALA A 299 -2.28 31.78 -3.66
C ALA A 299 -2.68 33.26 -3.90
N LYS A 300 -1.78 34.15 -3.49
CA LYS A 300 -1.96 35.61 -3.72
C LYS A 300 -1.90 35.95 -5.21
N LEU A 301 -0.97 35.34 -5.93
CA LEU A 301 -0.84 35.57 -7.36
C LEU A 301 -2.10 35.14 -8.15
N CYS A 302 -2.72 34.02 -7.75
CA CYS A 302 -3.96 33.48 -8.34
CA CYS A 302 -3.94 33.56 -8.46
C CYS A 302 -5.25 34.06 -7.80
N ARG A 303 -5.14 34.96 -6.83
CA ARG A 303 -6.29 35.53 -6.13
C ARG A 303 -7.24 34.42 -5.60
N ALA A 304 -6.66 33.32 -5.08
CA ALA A 304 -7.47 32.30 -4.48
C ALA A 304 -8.18 32.80 -3.24
N LYS A 305 -9.41 32.36 -3.06
CA LYS A 305 -10.22 32.78 -1.90
C LYS A 305 -9.77 32.16 -0.60
N ARG A 306 -9.40 30.87 -0.67
CA ARG A 306 -8.98 30.12 0.48
C ARG A 306 -7.80 29.21 0.06
N LEU A 307 -6.77 29.19 0.90
CA LEU A 307 -5.61 28.32 0.71
C LEU A 307 -5.60 27.27 1.82
N VAL A 308 -5.50 26.01 1.42
CA VAL A 308 -5.34 24.91 2.38
C VAL A 308 -3.98 24.29 2.14
N LEU A 309 -3.18 24.23 3.20
CA LEU A 309 -1.84 23.64 3.16
C LEU A 309 -1.90 22.21 3.67
N THR A 310 -1.12 21.38 3.01
CA THR A 310 -1.10 19.95 3.32
C THR A 310 0.24 19.39 2.97
N HIS A 311 0.37 18.06 3.11
CA HIS A 311 1.64 17.37 2.82
C HIS A 311 2.76 17.87 3.69
N PHE A 312 2.51 17.84 4.99
CA PHE A 312 3.46 18.25 5.99
C PHE A 312 4.49 17.17 6.37
N SER A 313 5.75 17.58 6.49
CA SER A 313 6.81 16.73 6.96
C SER A 313 6.34 15.99 8.22
N GLN A 314 6.66 14.67 8.24
CA GLN A 314 6.23 13.84 9.35
C GLN A 314 7.12 14.09 10.58
N ARG A 315 6.56 13.86 11.76
CA ARG A 315 7.29 14.01 13.01
C ARG A 315 8.14 12.74 13.12
N TYR A 316 9.34 12.78 12.53
CA TYR A 316 10.34 11.70 12.63
C TYR A 316 11.67 12.22 13.13
N GLN A 344 -6.48 37.16 2.66
CA GLN A 344 -6.17 35.78 2.31
C GLN A 344 -6.36 34.83 3.51
N GLU A 345 -7.26 33.84 3.37
CA GLU A 345 -7.51 32.85 4.43
C GLU A 345 -6.64 31.61 4.22
N VAL A 346 -5.89 31.20 5.25
CA VAL A 346 -5.02 29.99 5.18
C VAL A 346 -5.39 28.96 6.24
N THR A 347 -5.63 27.73 5.82
CA THR A 347 -6.05 26.66 6.69
C THR A 347 -5.01 25.54 6.65
N LEU A 348 -4.70 24.94 7.81
CA LEU A 348 -3.79 23.78 7.85
C LEU A 348 -4.61 22.51 7.88
N ALA A 349 -4.40 21.67 6.86
CA ALA A 349 -5.11 20.40 6.73
C ALA A 349 -4.71 19.44 7.87
N GLU A 350 -5.72 18.75 8.38
CA GLU A 350 -5.51 17.59 9.25
C GLU A 350 -6.30 16.42 8.68
N ASP A 351 -5.88 15.17 8.96
CA ASP A 351 -6.65 14.04 8.50
C ASP A 351 -8.08 14.15 9.07
N PHE A 352 -9.02 13.87 8.17
CA PHE A 352 -10.48 13.78 8.40
C PHE A 352 -11.17 15.14 8.46
N MET A 353 -10.40 16.18 8.24
CA MET A 353 -10.95 17.52 8.09
C MET A 353 -11.87 17.55 6.86
N VAL A 354 -13.05 18.15 7.04
CA VAL A 354 -13.97 18.35 5.95
C VAL A 354 -14.20 19.84 5.79
N ILE A 355 -14.00 20.35 4.59
CA ILE A 355 -14.26 21.75 4.24
C ILE A 355 -15.38 21.79 3.21
N SER A 356 -16.42 22.58 3.51
CA SER A 356 -17.60 22.68 2.68
C SER A 356 -17.38 23.91 1.80
N ILE A 357 -17.76 23.86 0.52
CA ILE A 357 -17.59 25.02 -0.36
C ILE A 357 -18.98 25.53 -0.73
N PRO A 358 -19.39 26.67 -0.17
CA PRO A 358 -20.72 27.18 -0.48
C PRO A 358 -20.77 27.74 -1.89
N ILE A 359 -21.98 27.81 -2.42
CA ILE A 359 -22.24 28.38 -3.74
C ILE A 359 -22.29 29.91 -3.63
N MET B 1 13.07 -14.62 21.92
CA MET B 1 12.44 -14.99 20.64
C MET B 1 10.94 -14.76 20.72
N ASP B 2 10.45 -13.86 19.88
CA ASP B 2 9.05 -13.50 19.95
C ASP B 2 8.43 -13.13 18.61
N VAL B 3 7.12 -13.31 18.54
CA VAL B 3 6.34 -12.91 17.38
C VAL B 3 5.42 -11.75 17.77
N THR B 4 5.45 -10.69 16.97
CA THR B 4 4.56 -9.53 17.16
C THR B 4 3.59 -9.47 15.96
N PHE B 5 2.30 -9.60 16.23
CA PHE B 5 1.30 -9.52 15.17
C PHE B 5 1.03 -8.09 14.80
N LEU B 6 1.20 -7.74 13.54
CA LEU B 6 0.94 -6.40 13.06
C LEU B 6 -0.42 -6.27 12.42
N GLY B 7 -0.83 -7.31 11.73
CA GLY B 7 -2.12 -7.36 11.09
C GLY B 7 -2.67 -8.75 11.13
N THR B 8 -3.90 -8.84 11.60
CA THR B 8 -4.58 -10.07 11.86
C THR B 8 -5.87 -10.25 11.07
N GLY B 9 -6.11 -9.36 10.11
CA GLY B 9 -7.33 -9.45 9.33
C GLY B 9 -7.17 -10.12 7.98
N ALA B 10 -8.29 -10.66 7.50
CA ALA B 10 -8.40 -11.32 6.20
C ALA B 10 -8.75 -10.32 5.11
N ALA B 11 -8.15 -10.53 3.94
CA ALA B 11 -8.51 -9.92 2.62
C ALA B 11 -8.19 -8.45 2.39
N TYR B 12 -8.26 -7.65 3.45
CA TYR B 12 -7.92 -6.22 3.39
C TYR B 12 -7.69 -5.68 4.80
N PRO B 13 -6.98 -4.55 4.92
CA PRO B 13 -6.80 -3.90 6.17
C PRO B 13 -8.03 -3.12 6.57
N SER B 14 -8.32 -3.14 7.85
CA SER B 14 -9.41 -2.35 8.40
C SER B 14 -8.91 -1.55 9.60
N PRO B 15 -9.78 -0.68 10.14
CA PRO B 15 -9.41 0.10 11.32
C PRO B 15 -9.19 -0.77 12.56
N THR B 16 -9.78 -1.96 12.59
CA THR B 16 -9.67 -2.84 13.76
C THR B 16 -8.64 -3.97 13.63
N ARG B 17 -8.37 -4.38 12.39
CA ARG B 17 -7.38 -5.41 12.09
C ARG B 17 -6.65 -5.05 10.80
N GLY B 18 -5.34 -4.84 10.92
CA GLY B 18 -4.49 -4.65 9.75
C GLY B 18 -4.40 -5.85 8.85
N ALA B 19 -3.90 -5.65 7.65
CA ALA B 19 -3.65 -6.76 6.69
C ALA B 19 -2.47 -7.58 7.15
N SER B 20 -2.38 -8.79 6.62
CA SER B 20 -1.44 -9.78 7.13
CA SER B 20 -1.44 -9.78 7.13
C SER B 20 0.00 -9.26 7.28
N ALA B 21 0.55 -9.43 8.48
CA ALA B 21 1.94 -9.16 8.78
C ALA B 21 2.25 -9.58 10.22
N VAL B 22 3.35 -10.34 10.36
N VAL B 22 3.29 -10.39 10.39
CA VAL B 22 3.83 -10.77 11.68
CA VAL B 22 3.81 -10.70 11.74
C VAL B 22 5.35 -10.62 11.66
C VAL B 22 5.32 -10.60 11.67
N VAL B 23 5.92 -10.15 12.75
CA VAL B 23 7.39 -10.04 12.88
C VAL B 23 7.95 -11.01 13.91
N LEU B 24 8.92 -11.80 13.44
CA LEU B 24 9.68 -12.70 14.30
C LEU B 24 11.00 -11.99 14.67
N ARG B 25 11.26 -11.93 15.96
CA ARG B 25 12.42 -11.25 16.47
C ARG B 25 13.28 -12.26 17.21
N CYS B 26 14.56 -12.23 16.88
CA CYS B 26 15.59 -12.96 17.60
C CYS B 26 16.78 -12.02 17.83
N GLU B 27 17.06 -11.70 19.08
CA GLU B 27 18.27 -10.92 19.43
C GLU B 27 18.39 -9.62 18.62
N GLY B 28 17.30 -8.86 18.55
CA GLY B 28 17.26 -7.55 17.84
C GLY B 28 17.09 -7.61 16.32
N GLU B 29 17.34 -8.78 15.73
CA GLU B 29 17.13 -9.04 14.28
C GLU B 29 15.69 -9.44 14.00
N CYS B 30 15.04 -8.68 13.10
CA CYS B 30 13.62 -8.81 12.80
C CYS B 30 13.44 -9.45 11.43
N TRP B 31 12.59 -10.47 11.39
CA TRP B 31 12.09 -11.03 10.15
C TRP B 31 10.60 -10.83 9.95
N LEU B 32 10.22 -10.24 8.82
CA LEU B 32 8.82 -9.97 8.54
C LEU B 32 8.19 -11.06 7.70
N PHE B 33 7.03 -11.54 8.13
CA PHE B 33 6.24 -12.55 7.43
C PHE B 33 4.94 -11.91 6.98
N ASP B 34 4.88 -11.68 5.67
CA ASP B 34 3.82 -11.01 4.96
C ASP B 34 3.84 -9.50 5.19
N CYS B 35 3.29 -8.79 4.23
CA CYS B 35 3.37 -7.34 4.21
C CYS B 35 2.18 -6.74 3.46
N GLY B 36 1.00 -6.95 4.00
CA GLY B 36 -0.18 -6.24 3.51
C GLY B 36 -0.10 -4.70 3.61
N GLU B 37 -1.00 -4.08 2.89
CA GLU B 37 -1.09 -2.65 2.94
C GLU B 37 -1.26 -2.15 4.38
N GLY B 38 -0.49 -1.12 4.78
CA GLY B 38 -0.50 -0.58 6.11
C GLY B 38 0.50 -1.15 7.08
N THR B 39 1.24 -2.17 6.64
CA THR B 39 2.24 -2.79 7.52
C THR B 39 3.24 -1.75 8.05
N GLN B 40 3.69 -0.85 7.18
CA GLN B 40 4.68 0.12 7.64
C GLN B 40 4.14 1.01 8.80
N THR B 41 2.86 1.38 8.76
CA THR B 41 2.26 2.22 9.79
CA THR B 41 2.25 2.22 9.81
C THR B 41 2.01 1.39 11.07
N GLN B 42 1.65 0.12 10.90
CA GLN B 42 1.53 -0.75 12.06
C GLN B 42 2.89 -0.91 12.77
N LEU B 43 3.95 -1.07 12.01
CA LEU B 43 5.30 -1.05 12.55
C LEU B 43 5.62 0.18 13.34
N MET B 44 5.28 1.36 12.78
CA MET B 44 5.51 2.59 13.46
C MET B 44 4.81 2.62 14.83
N LYS B 45 3.58 2.11 14.90
CA LYS B 45 2.78 2.09 16.14
C LYS B 45 3.34 1.10 17.17
N SER B 46 4.00 0.08 16.66
CA SER B 46 4.55 -1.01 17.50
C SER B 46 5.85 -0.60 18.15
N GLN B 47 6.37 -1.45 19.05
CA GLN B 47 7.71 -1.23 19.58
C GLN B 47 8.85 -1.54 18.62
N LEU B 48 8.54 -2.20 17.51
CA LEU B 48 9.53 -2.60 16.52
C LEU B 48 9.93 -1.42 15.64
N LYS B 49 11.07 -1.55 14.98
CA LYS B 49 11.57 -0.51 14.08
C LYS B 49 11.84 -1.13 12.73
N ALA B 50 11.25 -0.53 11.69
CA ALA B 50 11.39 -1.02 10.31
C ALA B 50 12.85 -1.21 9.91
N GLY B 51 13.70 -0.32 10.39
CA GLY B 51 15.15 -0.36 10.11
C GLY B 51 15.89 -1.59 10.57
N ARG B 52 15.30 -2.35 11.49
CA ARG B 52 15.91 -3.60 12.00
C ARG B 52 15.50 -4.86 11.21
N ILE B 53 14.65 -4.70 10.20
CA ILE B 53 14.18 -5.84 9.41
C ILE B 53 15.29 -6.26 8.46
N THR B 54 15.73 -7.52 8.54
CA THR B 54 16.79 -8.03 7.67
C THR B 54 16.29 -9.03 6.59
N LYS B 55 15.11 -9.60 6.84
CA LYS B 55 14.51 -10.55 5.94
C LYS B 55 13.02 -10.41 5.93
N ILE B 56 12.47 -10.69 4.77
CA ILE B 56 11.04 -10.62 4.53
C ILE B 56 10.61 -11.88 3.77
N PHE B 57 9.49 -12.46 4.19
CA PHE B 57 8.98 -13.73 3.64
C PHE B 57 7.53 -13.53 3.26
N ILE B 58 7.23 -13.69 2.00
CA ILE B 58 5.86 -13.51 1.48
C ILE B 58 5.22 -14.87 1.18
N THR B 59 4.06 -15.15 1.80
CA THR B 59 3.42 -16.45 1.69
C THR B 59 2.78 -16.72 0.32
N HIS B 60 2.20 -15.68 -0.28
CA HIS B 60 1.49 -15.78 -1.53
C HIS B 60 1.19 -14.39 -2.08
N LEU B 61 1.00 -14.36 -3.38
CA LEU B 61 0.83 -13.06 -4.08
C LEU B 61 -0.65 -12.65 -4.15
N HIS B 62 -1.32 -12.62 -3.00
CA HIS B 62 -2.59 -11.89 -2.86
C HIS B 62 -2.25 -10.56 -2.23
N GLY B 63 -2.95 -9.49 -2.61
CA GLY B 63 -2.56 -8.15 -2.20
C GLY B 63 -2.49 -7.83 -0.72
N ASP B 64 -3.35 -8.47 0.06
CA ASP B 64 -3.37 -8.34 1.53
C ASP B 64 -2.15 -8.97 2.22
N HIS B 65 -1.28 -9.59 1.43
CA HIS B 65 -0.01 -10.14 1.88
C HIS B 65 1.25 -9.49 1.31
N PHE B 66 1.12 -8.58 0.33
CA PHE B 66 2.32 -7.94 -0.23
C PHE B 66 2.19 -6.50 -0.72
N PHE B 67 0.99 -5.97 -0.79
CA PHE B 67 0.83 -4.60 -1.36
C PHE B 67 1.52 -3.55 -0.50
N GLY B 68 1.76 -3.85 0.79
CA GLY B 68 2.53 -2.94 1.65
C GLY B 68 4.04 -2.95 1.45
N LEU B 69 4.52 -3.88 0.65
CA LEU B 69 5.97 -4.04 0.47
C LEU B 69 6.75 -2.89 -0.16
N PRO B 70 6.25 -2.31 -1.26
CA PRO B 70 6.98 -1.17 -1.84
C PRO B 70 7.08 -0.02 -0.86
N GLY B 71 5.96 0.30 -0.21
CA GLY B 71 5.92 1.36 0.80
C GLY B 71 6.87 1.13 1.92
N LEU B 72 6.91 -0.13 2.42
CA LEU B 72 7.80 -0.48 3.50
C LEU B 72 9.28 -0.28 3.12
N LEU B 73 9.68 -0.77 1.95
CA LEU B 73 11.07 -0.59 1.53
C LEU B 73 11.43 0.89 1.39
N CYS B 74 10.52 1.64 0.78
CA CYS B 74 10.78 3.08 0.56
C CYS B 74 11.03 3.81 1.86
N THR B 75 10.19 3.51 2.83
CA THR B 75 10.21 4.20 4.12
CA THR B 75 10.24 4.21 4.12
C THR B 75 11.47 3.79 4.90
N ILE B 76 11.81 2.49 4.87
CA ILE B 76 13.09 2.05 5.46
C ILE B 76 14.26 2.85 4.84
N SER B 77 14.25 3.01 3.53
CA SER B 77 15.32 3.74 2.87
C SER B 77 15.33 5.24 3.28
N LEU B 78 14.17 5.89 3.17
CA LEU B 78 13.98 7.33 3.53
C LEU B 78 14.47 7.63 4.93
N GLN B 79 14.26 6.67 5.82
CA GLN B 79 14.60 6.86 7.24
C GLN B 79 15.98 6.31 7.67
N SER B 80 16.74 5.72 6.75
CA SER B 80 18.02 5.02 7.10
C SER B 80 19.05 5.88 7.83
N VAL B 84 26.90 2.30 4.41
CA VAL B 84 26.50 1.11 3.68
C VAL B 84 26.07 0.01 4.65
N SER B 85 24.88 -0.54 4.44
CA SER B 85 24.27 -1.53 5.36
C SER B 85 25.03 -2.85 5.41
N LYS B 86 25.85 -3.10 4.39
CA LYS B 86 26.74 -4.27 4.35
C LYS B 86 26.03 -5.49 3.75
N GLN B 87 25.04 -6.01 4.47
CA GLN B 87 24.29 -7.19 4.03
C GLN B 87 22.96 -6.75 3.41
N PRO B 88 22.56 -7.37 2.29
CA PRO B 88 21.28 -7.00 1.68
C PRO B 88 20.09 -7.49 2.47
N ILE B 89 18.99 -6.76 2.39
CA ILE B 89 17.73 -7.27 2.94
C ILE B 89 17.33 -8.39 2.00
N GLU B 90 17.02 -9.56 2.57
CA GLU B 90 16.66 -10.72 1.75
C GLU B 90 15.18 -10.87 1.73
N ILE B 91 14.62 -10.99 0.54
CA ILE B 91 13.19 -11.13 0.37
C ILE B 91 12.90 -12.44 -0.29
N TYR B 92 12.08 -13.27 0.35
CA TYR B 92 11.69 -14.58 -0.15
C TYR B 92 10.21 -14.63 -0.48
N GLY B 93 9.85 -15.01 -1.68
CA GLY B 93 8.43 -15.11 -2.05
C GLY B 93 8.20 -15.76 -3.39
N PRO B 94 6.93 -15.89 -3.80
CA PRO B 94 6.66 -16.56 -5.03
C PRO B 94 7.21 -15.87 -6.26
N VAL B 95 7.49 -16.66 -7.25
CA VAL B 95 7.84 -16.21 -8.58
C VAL B 95 6.89 -15.08 -8.97
N GLY B 96 7.48 -13.98 -9.42
CA GLY B 96 6.72 -12.79 -9.83
C GLY B 96 7.04 -11.63 -8.92
N LEU B 97 7.47 -11.95 -7.70
CA LEU B 97 7.72 -10.93 -6.70
C LEU B 97 8.91 -10.05 -7.07
N ARG B 98 9.96 -10.64 -7.61
CA ARG B 98 11.19 -9.89 -7.92
C ARG B 98 10.90 -8.78 -8.95
N ASP B 99 10.21 -9.14 -10.02
CA ASP B 99 9.89 -8.13 -11.06
C ASP B 99 8.92 -7.08 -10.54
N PHE B 100 7.98 -7.48 -9.68
CA PHE B 100 7.07 -6.51 -9.05
C PHE B 100 7.82 -5.41 -8.30
N ILE B 101 8.74 -5.83 -7.44
CA ILE B 101 9.49 -4.87 -6.65
C ILE B 101 10.36 -3.98 -7.55
N TRP B 102 11.08 -4.60 -8.48
CA TRP B 102 11.99 -3.86 -9.35
C TRP B 102 11.25 -2.77 -10.17
N ARG B 103 10.15 -3.18 -10.77
CA ARG B 103 9.36 -2.31 -11.63
C ARG B 103 8.73 -1.20 -10.80
N THR B 104 8.22 -1.54 -9.62
CA THR B 104 7.55 -0.55 -8.78
C THR B 104 8.53 0.50 -8.29
N MET B 105 9.73 0.07 -7.91
CA MET B 105 10.79 1.00 -7.51
C MET B 105 11.23 1.88 -8.67
N GLU B 106 11.35 1.29 -9.87
CA GLU B 106 11.71 2.05 -11.04
C GLU B 106 10.61 3.08 -11.36
N LEU B 107 9.35 2.64 -11.35
CA LEU B 107 8.20 3.54 -11.72
C LEU B 107 8.08 4.73 -10.80
N SER B 108 8.37 4.51 -9.52
CA SER B 108 8.28 5.57 -8.52
C SER B 108 9.59 6.35 -8.34
N HIS B 109 10.58 6.07 -9.17
CA HIS B 109 11.91 6.70 -9.15
C HIS B 109 12.50 6.68 -7.75
N THR B 110 12.42 5.50 -7.14
CA THR B 110 12.98 5.25 -5.80
C THR B 110 14.36 4.60 -6.03
N GLU B 111 15.39 5.27 -5.52
CA GLU B 111 16.73 4.71 -5.42
C GLU B 111 16.93 4.34 -3.94
N LEU B 112 16.72 3.08 -3.60
CA LEU B 112 16.82 2.65 -2.20
C LEU B 112 18.27 2.74 -1.77
N VAL B 113 18.53 3.17 -0.53
CA VAL B 113 19.90 3.38 -0.10
C VAL B 113 20.58 2.07 0.33
N PHE B 114 19.78 1.03 0.47
CA PHE B 114 20.27 -0.30 0.84
C PHE B 114 20.09 -1.21 -0.36
N HIS B 115 20.87 -2.28 -0.38
CA HIS B 115 20.71 -3.36 -1.35
C HIS B 115 19.68 -4.35 -0.83
N TYR B 116 18.91 -4.90 -1.76
CA TYR B 116 18.04 -6.03 -1.45
C TYR B 116 18.16 -7.08 -2.53
N VAL B 117 17.80 -8.29 -2.16
CA VAL B 117 17.79 -9.42 -3.10
C VAL B 117 16.47 -10.15 -2.93
N VAL B 118 15.87 -10.58 -4.03
CA VAL B 118 14.63 -11.33 -3.98
C VAL B 118 14.90 -12.78 -4.48
N HIS B 119 14.58 -13.73 -3.61
CA HIS B 119 14.74 -15.15 -3.86
C HIS B 119 13.35 -15.70 -4.09
N GLU B 120 13.13 -16.26 -5.27
CA GLU B 120 11.78 -16.66 -5.66
C GLU B 120 11.56 -18.17 -5.51
N LEU B 121 10.47 -18.52 -4.83
CA LEU B 121 10.00 -19.89 -4.69
C LEU B 121 9.12 -20.29 -5.89
N VAL B 122 9.42 -21.43 -6.48
CA VAL B 122 8.67 -21.90 -7.65
C VAL B 122 7.55 -22.81 -7.21
N PRO B 123 6.31 -22.37 -7.35
CA PRO B 123 5.21 -23.22 -6.96
C PRO B 123 4.90 -24.33 -7.95
N THR B 124 4.03 -25.23 -7.52
CA THR B 124 3.49 -26.26 -8.41
C THR B 124 1.99 -26.08 -8.61
N ALA B 125 1.50 -26.56 -9.74
CA ALA B 125 0.12 -26.35 -10.21
C ALA B 125 -0.90 -27.00 -9.28
N ASP B 126 -0.50 -28.03 -8.54
CA ASP B 126 -1.41 -28.71 -7.59
C ASP B 126 -1.57 -27.97 -6.26
N GLN B 127 -1.06 -26.75 -6.18
CA GLN B 127 -1.25 -25.89 -5.02
C GLN B 127 -2.51 -25.05 -5.15
N CYS B 128 -3.20 -25.13 -6.29
CA CYS B 128 -4.42 -24.37 -6.48
C CYS B 128 -5.36 -25.07 -7.45
N PRO B 129 -6.60 -24.58 -7.58
CA PRO B 129 -7.55 -25.35 -8.38
C PRO B 129 -7.19 -25.37 -9.87
N ALA B 130 -7.66 -26.39 -10.58
CA ALA B 130 -7.41 -26.52 -12.04
C ALA B 130 -8.35 -25.63 -12.84
N GLN B 150 22.90 -11.75 -6.04
CA GLN B 150 21.94 -12.07 -7.09
C GLN B 150 20.86 -13.01 -6.56
N GLY B 151 19.61 -12.78 -6.98
CA GLY B 151 18.48 -13.52 -6.47
C GLY B 151 18.46 -14.93 -7.02
N ARG B 152 17.97 -15.85 -6.20
CA ARG B 152 17.91 -17.24 -6.53
C ARG B 152 16.51 -17.60 -6.98
N THR B 153 16.47 -18.67 -7.78
CA THR B 153 15.26 -19.43 -7.99
C THR B 153 15.34 -20.67 -7.12
N ILE B 154 14.38 -20.79 -6.22
CA ILE B 154 14.35 -21.87 -5.19
C ILE B 154 13.31 -22.92 -5.57
N LEU B 155 13.78 -24.15 -5.74
CA LEU B 155 12.96 -25.25 -6.28
C LEU B 155 12.62 -26.26 -5.19
N LEU B 156 11.43 -26.82 -5.29
CA LEU B 156 11.02 -27.90 -4.39
C LEU B 156 11.98 -29.05 -4.51
N ASP B 157 12.34 -29.64 -3.36
CA ASP B 157 12.98 -30.97 -3.32
C ASP B 157 11.86 -31.98 -3.08
N SER B 158 11.66 -32.87 -4.04
CA SER B 158 10.51 -33.75 -4.04
C SER B 158 10.66 -34.82 -2.92
N GLU B 159 11.89 -35.14 -2.58
CA GLU B 159 12.14 -36.14 -1.51
C GLU B 159 11.76 -35.54 -0.15
N GLU B 160 12.29 -34.36 0.11
CA GLU B 160 12.04 -33.67 1.37
C GLU B 160 10.66 -33.05 1.40
N ASN B 161 10.14 -32.70 0.24
CA ASN B 161 8.88 -32.04 0.05
C ASN B 161 8.92 -30.65 0.65
N SER B 162 10.05 -29.96 0.45
CA SER B 162 10.23 -28.64 0.97
C SER B 162 11.25 -27.87 0.14
N TYR B 163 11.25 -26.56 0.37
CA TYR B 163 12.21 -25.64 -0.20
C TYR B 163 13.19 -25.25 0.90
N LEU B 164 14.49 -25.34 0.63
CA LEU B 164 15.52 -24.81 1.53
C LEU B 164 15.72 -23.31 1.22
N LEU B 165 15.38 -22.46 2.19
CA LEU B 165 15.59 -21.03 2.01
C LEU B 165 17.01 -20.68 2.43
N PHE B 166 17.38 -21.06 3.65
CA PHE B 166 18.76 -20.89 4.11
C PHE B 166 19.04 -21.76 5.31
N ASP B 167 20.32 -22.05 5.47
CA ASP B 167 20.84 -22.91 6.53
C ASP B 167 22.15 -22.31 6.99
N ASP B 168 22.11 -21.54 8.07
CA ASP B 168 23.36 -21.01 8.67
C ASP B 168 23.61 -21.60 10.08
N GLU B 169 24.53 -20.98 10.81
CA GLU B 169 24.95 -21.48 12.13
C GLU B 169 23.84 -21.34 13.19
N GLN B 170 22.94 -20.39 12.97
CA GLN B 170 21.87 -20.09 13.94
C GLN B 170 20.53 -20.77 13.62
N PHE B 171 20.16 -20.74 12.33
CA PHE B 171 18.81 -21.14 11.88
C PHE B 171 18.82 -21.98 10.61
N VAL B 172 17.84 -22.86 10.52
CA VAL B 172 17.48 -23.48 9.22
C VAL B 172 16.07 -23.03 8.94
N VAL B 173 15.86 -22.43 7.77
CA VAL B 173 14.53 -21.99 7.36
C VAL B 173 14.13 -22.66 6.03
N LYS B 174 12.93 -23.23 6.03
CA LYS B 174 12.41 -23.98 4.89
C LYS B 174 11.00 -23.56 4.66
N ALA B 175 10.54 -23.81 3.43
CA ALA B 175 9.16 -23.59 3.05
C ALA B 175 8.51 -24.85 2.57
N PHE B 176 7.19 -24.87 2.64
CA PHE B 176 6.42 -26.00 2.15
C PHE B 176 5.14 -25.50 1.49
N ARG B 177 4.57 -26.38 0.68
CA ARG B 177 3.48 -25.99 -0.24
C ARG B 177 2.13 -26.17 0.44
N LEU B 178 1.34 -25.09 0.36
CA LEU B 178 -0.05 -25.09 0.80
C LEU B 178 -0.97 -25.04 -0.38
N PHE B 179 -2.22 -25.41 -0.16
CA PHE B 179 -3.29 -25.27 -1.16
C PHE B 179 -4.14 -24.02 -0.87
N HIS B 180 -4.31 -23.16 -1.86
CA HIS B 180 -5.09 -21.93 -1.72
C HIS B 180 -5.65 -21.59 -3.11
N ARG B 181 -6.34 -20.45 -3.23
CA ARG B 181 -6.90 -20.03 -4.56
C ARG B 181 -5.79 -19.77 -5.54
N ILE B 182 -4.65 -19.30 -5.03
CA ILE B 182 -3.40 -19.24 -5.77
C ILE B 182 -2.39 -20.01 -4.92
N PRO B 183 -1.24 -20.36 -5.48
CA PRO B 183 -0.28 -21.05 -4.63
C PRO B 183 0.17 -20.23 -3.40
N SER B 184 0.31 -20.95 -2.29
CA SER B 184 0.63 -20.34 -1.03
C SER B 184 1.62 -21.25 -0.29
N PHE B 185 2.40 -20.62 0.58
CA PHE B 185 3.52 -21.28 1.25
C PHE B 185 3.43 -21.12 2.74
N GLY B 186 3.93 -22.14 3.41
CA GLY B 186 4.22 -22.03 4.80
C GLY B 186 5.72 -22.03 5.02
N PHE B 187 6.12 -21.45 6.16
CA PHE B 187 7.52 -21.33 6.49
C PHE B 187 7.78 -21.98 7.84
N SER B 188 8.89 -22.68 7.89
CA SER B 188 9.37 -23.34 9.11
CA SER B 188 9.36 -23.33 9.13
C SER B 188 10.70 -22.71 9.52
N VAL B 189 10.77 -22.18 10.73
CA VAL B 189 12.01 -21.64 11.26
C VAL B 189 12.50 -22.48 12.46
N VAL B 190 13.67 -23.06 12.30
CA VAL B 190 14.27 -23.89 13.32
C VAL B 190 15.58 -23.29 13.84
N GLU B 191 15.59 -23.07 15.14
CA GLU B 191 16.79 -22.65 15.80
C GLU B 191 17.69 -23.88 15.99
N LYS B 192 18.96 -23.73 15.69
CA LYS B 192 19.94 -24.80 15.90
C LYS B 192 20.44 -24.81 17.33
N GLY B 243 16.56 -26.96 18.93
CA GLY B 243 16.03 -25.75 19.51
C GLY B 243 14.59 -25.48 19.16
N ARG B 244 14.20 -24.21 19.27
CA ARG B 244 12.83 -23.81 19.08
C ARG B 244 12.45 -23.84 17.58
N LYS B 245 11.18 -24.13 17.35
CA LYS B 245 10.60 -24.25 16.02
C LYS B 245 9.32 -23.43 15.90
N ILE B 246 9.35 -22.48 14.95
CA ILE B 246 8.23 -21.62 14.70
C ILE B 246 7.78 -21.84 13.27
N CYS B 247 6.51 -22.17 13.10
CA CYS B 247 5.92 -22.40 11.77
C CYS B 247 4.79 -21.41 11.51
N ILE B 248 4.86 -20.77 10.35
CA ILE B 248 3.94 -19.71 9.98
C ILE B 248 3.38 -20.03 8.59
N LEU B 249 2.08 -20.28 8.51
CA LEU B 249 1.42 -20.72 7.28
C LEU B 249 0.62 -19.62 6.64
N GLY B 250 0.81 -19.46 5.34
CA GLY B 250 -0.04 -18.59 4.53
C GLY B 250 -1.49 -19.07 4.46
N ASP B 251 -2.32 -18.27 3.80
CA ASP B 251 -3.72 -18.65 3.56
C ASP B 251 -3.76 -20.03 2.92
N CYS B 252 -4.69 -20.85 3.37
CA CYS B 252 -4.79 -22.22 2.90
C CYS B 252 -6.06 -22.87 3.35
N SER B 253 -6.44 -23.89 2.58
CA SER B 253 -7.51 -24.83 2.92
CA SER B 253 -7.50 -24.82 2.97
C SER B 253 -6.94 -26.23 3.19
N GLY B 254 -5.62 -26.37 3.06
CA GLY B 254 -4.94 -27.65 3.22
C GLY B 254 -3.47 -27.57 2.82
N VAL B 255 -2.79 -28.71 2.90
CA VAL B 255 -1.34 -28.77 2.69
C VAL B 255 -1.08 -29.87 1.68
N VAL B 256 -0.09 -29.68 0.81
CA VAL B 256 0.10 -30.60 -0.31
C VAL B 256 0.96 -31.78 0.18
N GLY B 257 0.35 -32.95 0.27
CA GLY B 257 0.99 -34.14 0.89
C GLY B 257 1.38 -33.96 2.35
N ASP B 258 2.43 -34.67 2.78
CA ASP B 258 2.91 -34.58 4.18
C ASP B 258 3.87 -33.42 4.48
N GLY B 259 3.97 -32.42 3.60
CA GLY B 259 4.97 -31.38 3.79
C GLY B 259 4.83 -30.65 5.12
N GLY B 260 3.59 -30.46 5.53
CA GLY B 260 3.29 -29.72 6.76
C GLY B 260 3.61 -30.54 8.00
N VAL B 261 3.09 -31.76 8.07
CA VAL B 261 3.28 -32.57 9.29
C VAL B 261 4.76 -32.83 9.55
N LYS B 262 5.52 -33.00 8.47
CA LYS B 262 6.96 -33.22 8.55
C LYS B 262 7.67 -32.04 9.16
N LEU B 263 7.54 -30.89 8.50
CA LEU B 263 8.26 -29.69 8.90
C LEU B 263 7.77 -29.07 10.18
N CYS B 264 6.48 -29.23 10.42
CA CYS B 264 5.81 -28.53 11.54
C CYS B 264 5.77 -29.36 12.81
N PHE B 265 6.36 -30.56 12.77
CA PHE B 265 6.29 -31.49 13.86
C PHE B 265 6.84 -30.89 15.14
N GLU B 266 6.02 -30.95 16.18
CA GLU B 266 6.33 -30.43 17.51
C GLU B 266 6.74 -28.94 17.50
N ALA B 267 6.15 -28.20 16.56
CA ALA B 267 6.32 -26.74 16.59
C ALA B 267 6.03 -26.18 17.93
N ASP B 268 6.91 -25.30 18.39
CA ASP B 268 6.72 -24.54 19.60
C ASP B 268 5.64 -23.48 19.45
N LEU B 269 5.53 -22.94 18.23
CA LEU B 269 4.45 -22.04 17.84
C LEU B 269 4.06 -22.31 16.39
N LEU B 270 2.76 -22.49 16.19
CA LEU B 270 2.18 -22.68 14.87
C LEU B 270 1.16 -21.54 14.63
N ILE B 271 1.42 -20.73 13.61
CA ILE B 271 0.51 -19.64 13.17
C ILE B 271 -0.25 -20.10 11.95
N HIS B 272 -1.56 -20.11 12.08
CA HIS B 272 -2.45 -20.67 11.05
C HIS B 272 -3.65 -19.74 10.85
N GLU B 273 -4.09 -19.62 9.61
CA GLU B 273 -5.32 -18.87 9.39
C GLU B 273 -6.59 -19.55 9.90
N ALA B 274 -7.56 -18.73 10.25
CA ALA B 274 -8.90 -19.22 10.50
C ALA B 274 -9.88 -18.19 10.03
N THR B 275 -10.01 -18.08 8.71
CA THR B 275 -10.76 -16.96 8.10
C THR B 275 -12.24 -16.92 8.53
N LEU B 276 -12.87 -18.08 8.50
CA LEU B 276 -14.29 -18.17 8.82
C LEU B 276 -14.48 -19.15 9.96
N ASP B 277 -15.63 -19.04 10.61
CA ASP B 277 -15.98 -19.94 11.71
C ASP B 277 -16.38 -21.32 11.16
N ASP B 278 -16.41 -22.30 12.04
CA ASP B 278 -16.62 -23.71 11.64
C ASP B 278 -17.94 -23.96 10.91
N ALA B 279 -18.97 -23.23 11.29
CA ALA B 279 -20.29 -23.32 10.62
C ALA B 279 -20.21 -22.94 9.12
N GLN B 280 -19.17 -22.19 8.72
CA GLN B 280 -18.99 -21.82 7.30
C GLN B 280 -17.84 -22.57 6.59
N MET B 281 -17.62 -23.81 6.99
CA MET B 281 -16.50 -24.59 6.45
C MET B 281 -16.54 -24.73 4.92
N ASP B 282 -17.73 -24.98 4.38
CA ASP B 282 -17.90 -25.11 2.93
C ASP B 282 -17.49 -23.83 2.21
N LYS B 283 -17.98 -22.69 2.69
CA LYS B 283 -17.58 -21.40 2.13
C LYS B 283 -16.07 -21.16 2.27
N ALA B 284 -15.52 -21.50 3.43
CA ALA B 284 -14.09 -21.35 3.66
C ALA B 284 -13.28 -22.11 2.61
N LYS B 285 -13.58 -23.39 2.46
CA LYS B 285 -12.85 -24.25 1.53
C LYS B 285 -12.99 -23.74 0.10
N GLU B 286 -14.19 -23.28 -0.24
CA GLU B 286 -14.47 -22.64 -1.53
C GLU B 286 -13.45 -21.58 -1.89
N HIS B 287 -13.09 -20.79 -0.89
CA HIS B 287 -12.19 -19.63 -1.08
C HIS B 287 -10.75 -19.94 -0.69
N GLY B 288 -10.43 -21.21 -0.51
CA GLY B 288 -9.05 -21.65 -0.15
C GLY B 288 -8.63 -21.29 1.27
N HIS B 289 -9.63 -21.26 2.14
CA HIS B 289 -9.45 -20.87 3.52
C HIS B 289 -9.77 -22.02 4.49
N SER B 290 -9.44 -21.78 5.75
CA SER B 290 -9.63 -22.71 6.84
C SER B 290 -10.54 -22.13 7.93
N THR B 291 -11.08 -23.03 8.73
CA THR B 291 -11.84 -22.68 9.92
C THR B 291 -11.04 -23.09 11.17
N PRO B 292 -11.47 -22.66 12.37
CA PRO B 292 -10.67 -23.07 13.52
C PRO B 292 -10.53 -24.59 13.70
N GLN B 293 -11.57 -25.34 13.39
CA GLN B 293 -11.49 -26.81 13.53
C GLN B 293 -10.46 -27.41 12.56
N MET B 294 -10.35 -26.84 11.38
CA MET B 294 -9.38 -27.33 10.40
C MET B 294 -7.95 -27.05 10.90
N ALA B 295 -7.77 -25.85 11.42
CA ALA B 295 -6.45 -25.45 11.91
C ALA B 295 -6.05 -26.33 13.09
N ALA B 296 -7.02 -26.54 13.98
CA ALA B 296 -6.82 -27.32 15.20
C ALA B 296 -6.48 -28.79 14.88
N THR B 297 -7.12 -29.34 13.87
CA THR B 297 -6.89 -30.71 13.42
C THR B 297 -5.45 -30.83 12.90
N PHE B 298 -5.04 -29.85 12.10
CA PHE B 298 -3.64 -29.81 11.62
C PHE B 298 -2.65 -29.67 12.79
N ALA B 299 -2.95 -28.79 13.74
CA ALA B 299 -2.09 -28.58 14.91
C ALA B 299 -1.91 -29.86 15.72
N LYS B 300 -3.00 -30.58 15.91
CA LYS B 300 -3.01 -31.83 16.69
C LYS B 300 -2.23 -32.90 15.95
N LEU B 301 -2.42 -32.96 14.65
CA LEU B 301 -1.69 -33.89 13.79
C LEU B 301 -0.17 -33.66 13.87
N CYS B 302 0.27 -32.39 13.94
CA CYS B 302 1.70 -32.01 14.04
CA CYS B 302 1.73 -32.18 14.01
C CYS B 302 2.26 -31.97 15.43
N ARG B 303 1.40 -32.20 16.42
CA ARG B 303 1.75 -32.06 17.84
C ARG B 303 2.37 -30.70 18.17
N ALA B 304 1.83 -29.64 17.57
CA ALA B 304 2.23 -28.30 17.94
C ALA B 304 1.95 -27.98 19.40
N LYS B 305 2.86 -27.27 20.03
CA LYS B 305 2.71 -26.89 21.43
C LYS B 305 1.72 -25.77 21.63
N ARG B 306 1.74 -24.80 20.70
CA ARG B 306 0.89 -23.63 20.73
C ARG B 306 0.34 -23.36 19.34
N LEU B 307 -0.96 -23.11 19.28
CA LEU B 307 -1.62 -22.72 18.06
C LEU B 307 -2.12 -21.28 18.19
N VAL B 308 -1.72 -20.44 17.24
CA VAL B 308 -2.24 -19.07 17.14
C VAL B 308 -2.99 -18.91 15.82
N LEU B 309 -4.27 -18.58 15.93
CA LEU B 309 -5.14 -18.37 14.80
C LEU B 309 -5.13 -16.89 14.41
N THR B 310 -5.19 -16.63 13.11
CA THR B 310 -5.10 -15.26 12.59
C THR B 310 -5.79 -15.19 11.23
N HIS B 311 -5.73 -14.01 10.58
CA HIS B 311 -6.39 -13.80 9.27
C HIS B 311 -7.88 -14.02 9.39
N PHE B 312 -8.47 -13.33 10.36
CA PHE B 312 -9.92 -13.37 10.57
C PHE B 312 -10.70 -12.50 9.60
N SER B 313 -11.80 -13.05 9.11
CA SER B 313 -12.77 -12.27 8.33
C SER B 313 -13.10 -10.95 9.05
N GLN B 314 -13.12 -9.87 8.27
CA GLN B 314 -13.32 -8.51 8.80
C GLN B 314 -14.80 -8.30 9.15
N ARG B 315 -15.05 -7.46 10.13
CA ARG B 315 -16.39 -7.29 10.73
C ARG B 315 -17.26 -6.22 10.04
N GLN B 344 -2.69 -28.42 24.25
CA GLN B 344 -2.30 -27.35 23.35
C GLN B 344 -3.14 -26.07 23.59
N GLU B 345 -2.46 -24.97 23.91
CA GLU B 345 -3.12 -23.68 24.09
C GLU B 345 -3.45 -23.10 22.72
N VAL B 346 -4.66 -22.54 22.58
CA VAL B 346 -5.09 -21.84 21.32
C VAL B 346 -5.37 -20.38 21.60
N THR B 347 -4.75 -19.53 20.81
CA THR B 347 -4.84 -18.09 21.01
C THR B 347 -5.42 -17.50 19.74
N LEU B 348 -6.35 -16.56 19.92
CA LEU B 348 -6.86 -15.79 18.78
C LEU B 348 -6.10 -14.48 18.71
N ALA B 349 -5.38 -14.31 17.61
CA ALA B 349 -4.49 -13.16 17.43
C ALA B 349 -5.26 -11.85 17.37
N GLU B 350 -4.63 -10.84 17.93
CA GLU B 350 -5.09 -9.45 17.75
C GLU B 350 -3.90 -8.61 17.37
N ASP B 351 -4.14 -7.50 16.67
CA ASP B 351 -3.01 -6.66 16.34
C ASP B 351 -2.25 -6.27 17.63
N PHE B 352 -0.94 -6.29 17.49
CA PHE B 352 0.09 -5.84 18.40
C PHE B 352 0.33 -6.82 19.57
N MET B 353 -0.34 -7.96 19.48
CA MET B 353 -0.10 -9.07 20.45
C MET B 353 1.35 -9.56 20.25
N VAL B 354 2.05 -9.80 21.37
CA VAL B 354 3.41 -10.36 21.36
C VAL B 354 3.41 -11.68 22.07
N ILE B 355 3.85 -12.71 21.37
CA ILE B 355 3.99 -14.06 21.94
C ILE B 355 5.45 -14.42 21.92
N SER B 356 5.97 -14.82 23.08
CA SER B 356 7.39 -15.17 23.25
C SER B 356 7.46 -16.67 23.33
N ILE B 357 8.58 -17.20 22.86
CA ILE B 357 8.84 -18.63 23.00
C ILE B 357 10.03 -18.76 23.91
N PRO B 358 9.79 -19.22 25.17
CA PRO B 358 10.88 -19.38 26.08
C PRO B 358 11.80 -20.55 25.67
N ILE B 359 13.02 -20.43 26.15
CA ILE B 359 14.14 -21.24 25.77
C ILE B 359 14.11 -22.52 26.60
C1 EDO C . -3.84 -2.20 -19.78
O1 EDO C . -5.05 -2.28 -20.52
C2 EDO C . -2.61 -2.29 -20.67
O2 EDO C . -1.51 -1.76 -19.95
ZN ZN D . 4.75 13.40 -1.65
ZN ZN E . 6.72 13.64 -4.45
P PO4 F . 8.04 13.40 -1.37
O1 PO4 F . 8.11 13.97 -2.82
O2 PO4 F . 8.35 11.82 -1.55
O3 PO4 F . 6.66 13.44 -0.84
O4 PO4 F . 9.15 14.03 -0.60
C1 EDO G . -16.00 12.16 6.47
O1 EDO G . -14.69 12.68 6.71
C2 EDO G . -16.93 13.14 5.78
O2 EDO G . -16.50 13.41 4.46
C1 EDO H . -21.87 16.25 0.05
O1 EDO H . -22.66 15.27 -0.64
C2 EDO H . -21.24 17.19 -0.96
O2 EDO H . -20.44 18.13 -0.26
C1 EDO I . -8.72 -1.55 -18.35
O1 EDO I . -9.74 -2.11 -17.50
C2 EDO I . -7.53 -1.08 -17.54
O2 EDO I . -6.47 -0.59 -18.35
C1 EDO J . -2.43 2.42 7.03
O1 EDO J . -1.27 3.12 6.55
C2 EDO J . -2.82 1.23 6.20
O2 EDO J . -4.09 0.76 6.49
C1 EDO K . -3.78 5.25 6.94
O1 EDO K . -2.43 5.63 6.84
C2 EDO K . -4.29 4.63 8.23
O2 EDO K . -5.61 4.13 8.02
ZN ZN L . -5.16 -15.27 -0.05
ZN ZN M . -5.35 -13.31 2.69
P PO4 N . -7.98 -13.72 0.81
O1 PO4 N . -7.88 -12.61 -0.22
O2 PO4 N . -7.42 -14.99 0.22
O3 PO4 N . -9.39 -14.06 1.02
O4 PO4 N . -7.40 -13.23 2.11
NA NA O . 7.80 1.36 15.91
C1 EDO P . 4.24 -22.85 -12.31
O1 EDO P . 5.36 -22.49 -11.50
C2 EDO P . 3.22 -23.65 -11.52
O2 EDO P . 2.40 -22.78 -10.74
C1 EDO Q . 8.72 -5.85 20.66
O1 EDO Q . 10.03 -5.40 20.29
C2 EDO Q . 7.81 -5.87 19.47
O2 EDO Q . 6.45 -6.08 19.75
C1 EDO R . -4.48 -19.67 -9.89
O1 EDO R . -5.52 -20.52 -9.37
C2 EDO R . -3.11 -20.33 -9.81
O2 EDO R . -2.05 -19.43 -10.10
C1 EDO S . -0.27 -15.84 7.23
O1 EDO S . 0.75 -14.85 7.01
C2 EDO S . -1.41 -15.72 6.22
O2 EDO S . -2.73 -16.01 6.76
#